data_5XD1
#
_entry.id   5XD1
#
_cell.length_a   42.210
_cell.length_b   83.870
_cell.length_c   43.650
_cell.angle_alpha   90.00
_cell.angle_beta   93.24
_cell.angle_gamma   90.00
#
_symmetry.space_group_name_H-M   'P 1 21 1'
#
loop_
_entity.id
_entity.type
_entity.pdbx_description
1 polymer 'NUDIX family protein'
2 non-polymer "ADENOSINE-5'-PENTAPHOSPHATE"
3 non-polymer "ADENOSINE-5'-TRIPHOSPHATE"
4 non-polymer GLYCEROL
5 non-polymer 'MAGNESIUM ION'
6 water water
#
_entity_poly.entity_id   1
_entity_poly.type   'polypeptide(L)'
_entity_poly.pdbx_seq_one_letter_code
;MGSSHHHHHHSSGLVPRGSHMMPVDDLQEIPLSKDTTEKSKHTVRAAGAVLWRDASEHGGTTGHPATVEVAVIHRPRYDD
WSLPKGKLDQGETEPVAAAREIHEETGHTAVLGRRLGRVTYPIPQGTKRVWYWAAKSTGGDFSPNDEVDKLVWLPVDAAM
DQLQYPDDRKVLRRFVKRPVDTKTVLVVRHGTAGRRSRYKGDDRKRPLDKRGRAQAEALVAQLMAFGATTLYAADRVRCH
QTIEPLAQELDQLIHNEPLLTEEAYAADHKAARKRLLEIAGRPGNPVICTQGKVIPGLIEWWCERAKVRPETTGNRKGST
WVLSLSDGELVGADYLSPPDEK
;
_entity_poly.pdbx_strand_id   A
#
loop_
_chem_comp.id
_chem_comp.type
_chem_comp.name
_chem_comp.formula
5FA RNA linking ADENOSINE-5'-PENTAPHOSPHATE 'C10 H18 N5 O19 P5'
ATP non-polymer ADENOSINE-5'-TRIPHOSPHATE 'C10 H16 N5 O13 P3'
GOL non-polymer GLYCEROL 'C3 H8 O3'
MG non-polymer 'MAGNESIUM ION' 'Mg 2'
#
# COMPACT_ATOMS: atom_id res chain seq x y z
N LYS A 41 0.07 22.24 15.07
CA LYS A 41 -0.90 21.90 13.99
C LYS A 41 -0.23 21.39 12.69
N HIS A 42 1.02 21.76 12.44
CA HIS A 42 1.76 21.20 11.31
C HIS A 42 1.96 19.68 11.57
N THR A 43 1.80 18.87 10.53
CA THR A 43 1.97 17.43 10.64
C THR A 43 3.25 17.02 10.00
N VAL A 44 4.09 16.30 10.75
CA VAL A 44 5.27 15.70 10.15
C VAL A 44 4.93 14.25 9.81
N ARG A 45 4.99 13.93 8.51
CA ARG A 45 4.55 12.64 8.01
C ARG A 45 5.68 11.63 8.05
N ALA A 46 5.38 10.45 8.59
CA ALA A 46 6.36 9.37 8.66
C ALA A 46 5.65 8.03 8.39
N ALA A 47 6.45 6.99 8.19
CA ALA A 47 5.93 5.64 7.98
C ALA A 47 6.89 4.62 8.51
N GLY A 48 6.37 3.45 8.86
CA GLY A 48 7.24 2.42 9.36
C GLY A 48 6.53 1.08 9.31
N ALA A 49 7.09 0.11 10.01
CA ALA A 49 6.62 -1.26 9.80
C ALA A 49 6.87 -2.18 10.97
N VAL A 50 6.03 -3.22 11.00
CA VAL A 50 6.33 -4.48 11.71
C VAL A 50 6.98 -5.38 10.69
N LEU A 51 8.30 -5.45 10.74
CA LEU A 51 9.12 -6.26 9.83
C LEU A 51 9.19 -7.65 10.45
N TRP A 52 8.83 -8.67 9.67
CA TRP A 52 8.69 -10.02 10.23
C TRP A 52 9.34 -11.06 9.36
N ARG A 53 9.64 -12.19 9.99
CA ARG A 53 10.19 -13.34 9.24
C ARG A 53 9.69 -14.63 9.89
N ASP A 54 9.71 -15.69 9.08
CA ASP A 54 9.23 -17.07 9.34
C ASP A 54 7.81 -17.33 8.83
N PRO A 65 2.30 -16.16 12.80
CA PRO A 65 1.75 -15.35 13.90
C PRO A 65 2.35 -15.69 15.26
N ALA A 66 2.61 -16.98 15.50
CA ALA A 66 3.19 -17.47 16.75
C ALA A 66 4.55 -18.16 16.55
N THR A 67 4.91 -18.48 15.30
CA THR A 67 6.28 -18.77 14.93
C THR A 67 6.95 -17.55 14.29
N VAL A 68 6.14 -16.57 13.92
CA VAL A 68 6.67 -15.34 13.34
C VAL A 68 7.53 -14.57 14.36
N GLU A 69 8.65 -14.05 13.89
CA GLU A 69 9.51 -13.17 14.66
C GLU A 69 9.43 -11.78 14.01
N VAL A 70 9.42 -10.77 14.86
CA VAL A 70 9.42 -9.36 14.42
C VAL A 70 10.65 -8.63 14.91
N ALA A 71 11.02 -7.59 14.16
CA ALA A 71 12.20 -6.75 14.44
C ALA A 71 11.89 -5.60 15.37
N VAL A 72 12.69 -5.47 16.41
CA VAL A 72 12.60 -4.34 17.31
C VAL A 72 13.98 -3.70 17.38
N ILE A 73 14.04 -2.40 17.19
CA ILE A 73 15.31 -1.67 17.14
C ILE A 73 15.59 -0.77 18.33
N HIS A 74 16.89 -0.57 18.64
CA HIS A 74 17.32 0.35 19.66
C HIS A 74 18.08 1.51 19.04
N ARG A 75 17.77 2.69 19.49
CA ARG A 75 18.39 3.95 19.06
C ARG A 75 19.11 4.64 20.18
N PRO A 76 20.43 4.81 20.06
CA PRO A 76 21.18 5.48 21.13
C PRO A 76 20.74 6.91 21.46
N ARG A 77 20.28 7.67 20.45
CA ARG A 77 19.93 9.07 20.65
C ARG A 77 18.81 9.21 21.69
N TYR A 78 17.91 8.21 21.74
CA TYR A 78 16.75 8.26 22.61
C TYR A 78 16.79 7.19 23.70
N ASP A 79 17.75 6.27 23.62
CA ASP A 79 17.75 5.00 24.38
C ASP A 79 16.36 4.35 24.31
N ASP A 80 15.79 4.29 23.11
CA ASP A 80 14.46 3.65 22.97
C ASP A 80 14.47 2.33 22.22
N TRP A 81 13.48 1.47 22.50
CA TRP A 81 13.21 0.28 21.73
C TRP A 81 11.89 0.58 21.02
N SER A 82 11.90 0.41 19.70
CA SER A 82 10.73 0.80 18.88
C SER A 82 10.69 0.02 17.57
N LEU A 83 9.68 0.32 16.79
CA LEU A 83 9.55 -0.22 15.44
C LEU A 83 10.23 0.72 14.47
N PRO A 84 10.94 0.15 13.47
CA PRO A 84 11.60 0.98 12.49
C PRO A 84 10.59 1.90 11.75
N LYS A 85 11.00 3.14 11.51
CA LYS A 85 10.18 4.09 10.81
C LYS A 85 11.00 5.34 10.51
N GLY A 86 10.49 6.15 9.62
CA GLY A 86 11.08 7.45 9.42
C GLY A 86 10.25 8.36 8.58
N LYS A 87 10.73 9.59 8.51
CA LYS A 87 10.02 10.67 7.85
C LYS A 87 10.03 10.54 6.33
N LEU A 88 8.93 10.92 5.73
CA LEU A 88 8.82 10.95 4.26
C LEU A 88 9.74 12.03 3.70
N ASP A 89 10.58 11.67 2.71
CA ASP A 89 11.28 12.69 1.92
C ASP A 89 10.32 13.39 0.97
N GLN A 90 10.72 14.57 0.47
N GLN A 90 10.74 14.55 0.45
CA GLN A 90 9.90 15.28 -0.50
CA GLN A 90 10.00 15.25 -0.58
C GLN A 90 9.59 14.36 -1.67
C GLN A 90 9.60 14.31 -1.69
N GLY A 91 8.32 14.33 -2.07
CA GLY A 91 7.86 13.49 -3.17
C GLY A 91 7.67 11.99 -2.86
N GLU A 92 7.93 11.55 -1.62
CA GLU A 92 7.68 10.13 -1.27
C GLU A 92 6.28 9.95 -0.77
N THR A 93 5.67 8.79 -0.98
CA THR A 93 4.45 8.38 -0.30
C THR A 93 4.82 7.50 0.91
N GLU A 94 3.86 7.32 1.81
CA GLU A 94 4.11 6.51 3.01
C GLU A 94 4.70 5.10 2.71
N PRO A 95 4.12 4.35 1.75
CA PRO A 95 4.65 3.04 1.49
C PRO A 95 6.10 3.01 1.02
N VAL A 96 6.45 4.01 0.22
CA VAL A 96 7.80 4.12 -0.29
C VAL A 96 8.75 4.44 0.85
N ALA A 97 8.32 5.33 1.73
CA ALA A 97 9.15 5.70 2.87
C ALA A 97 9.32 4.53 3.82
N ALA A 98 8.27 3.74 4.02
CA ALA A 98 8.34 2.61 4.95
C ALA A 98 9.37 1.60 4.47
N ALA A 99 9.28 1.26 3.20
CA ALA A 99 10.23 0.32 2.62
C ALA A 99 11.65 0.83 2.73
N ARG A 100 11.87 2.11 2.44
CA ARG A 100 13.19 2.68 2.49
C ARG A 100 13.73 2.75 3.91
N GLU A 101 12.93 3.27 4.83
CA GLU A 101 13.36 3.38 6.23
C GLU A 101 13.65 2.00 6.82
N ILE A 102 12.83 0.99 6.52
CA ILE A 102 13.10 -0.40 6.95
C ILE A 102 14.47 -0.83 6.49
N HIS A 103 14.77 -0.61 5.21
CA HIS A 103 16.08 -1.00 4.70
C HIS A 103 17.21 -0.21 5.34
N GLU A 104 17.07 1.11 5.45
CA GLU A 104 18.11 1.93 6.11
C GLU A 104 18.35 1.54 7.59
N GLU A 105 17.28 1.22 8.30
CA GLU A 105 17.40 1.01 9.74
C GLU A 105 17.71 -0.40 10.13
N THR A 106 17.26 -1.38 9.34
CA THR A 106 17.43 -2.79 9.68
C THR A 106 18.43 -3.55 8.75
N GLY A 107 18.73 -2.98 7.60
CA GLY A 107 19.46 -3.68 6.55
C GLY A 107 18.64 -4.61 5.64
N HIS A 108 17.35 -4.79 5.91
CA HIS A 108 16.55 -5.76 5.21
C HIS A 108 15.70 -5.10 4.14
N THR A 109 15.59 -5.80 3.02
CA THR A 109 14.56 -5.53 2.06
C THR A 109 13.31 -6.21 2.53
N ALA A 110 12.17 -5.80 1.97
CA ALA A 110 10.90 -6.34 2.42
C ALA A 110 9.84 -6.03 1.40
N VAL A 111 8.72 -6.73 1.52
CA VAL A 111 7.51 -6.49 0.73
C VAL A 111 6.42 -6.09 1.74
N LEU A 112 5.82 -4.93 1.52
CA LEU A 112 4.72 -4.47 2.36
C LEU A 112 3.44 -5.22 2.03
N GLY A 113 2.62 -5.41 3.06
CA GLY A 113 1.33 -6.05 2.93
C GLY A 113 0.27 -5.19 3.55
N ARG A 114 -0.44 -5.74 4.54
CA ARG A 114 -1.53 -5.04 5.21
C ARG A 114 -1.06 -3.79 5.98
N ARG A 115 -1.83 -2.72 5.87
CA ARG A 115 -1.59 -1.55 6.69
C ARG A 115 -2.12 -1.82 8.11
N LEU A 116 -1.40 -1.33 9.09
CA LEU A 116 -1.69 -1.51 10.54
C LEU A 116 -2.00 -0.25 11.38
N GLY A 117 -2.59 0.77 10.80
CA GLY A 117 -3.04 1.88 11.59
C GLY A 117 -2.02 2.98 11.68
N ARG A 118 -2.43 4.03 12.37
CA ARG A 118 -1.75 5.30 12.39
C ARG A 118 -1.48 5.60 13.83
N VAL A 119 -0.29 6.15 14.09
CA VAL A 119 0.10 6.63 15.43
C VAL A 119 0.37 8.14 15.32
N THR A 120 -0.07 8.91 16.30
CA THR A 120 0.29 10.33 16.31
C THR A 120 0.75 10.73 17.70
N TYR A 121 1.69 11.64 17.75
CA TYR A 121 2.15 12.18 19.02
C TYR A 121 2.70 13.58 18.80
N PRO A 122 2.66 14.42 19.85
CA PRO A 122 3.17 15.78 19.72
C PRO A 122 4.69 15.85 19.72
N ILE A 123 5.20 16.76 18.90
CA ILE A 123 6.63 17.03 18.76
C ILE A 123 6.75 18.57 18.60
N PRO A 124 7.95 19.13 18.78
CA PRO A 124 8.07 20.60 18.71
C PRO A 124 7.50 21.21 17.42
N GLN A 125 7.72 20.56 16.29
CA GLN A 125 7.17 21.01 14.99
C GLN A 125 5.65 20.90 14.86
N GLY A 126 5.00 20.16 15.75
CA GLY A 126 3.57 20.01 15.69
C GLY A 126 3.14 18.61 16.10
N THR A 127 2.68 17.83 15.12
CA THR A 127 2.21 16.48 15.35
C THR A 127 2.98 15.57 14.42
N LYS A 128 3.57 14.54 14.97
CA LYS A 128 4.20 13.46 14.19
C LYS A 128 3.13 12.45 13.89
N ARG A 129 3.03 12.05 12.63
CA ARG A 129 2.06 11.07 12.21
C ARG A 129 2.80 9.93 11.58
N VAL A 130 2.51 8.72 12.04
CA VAL A 130 3.22 7.55 11.48
C VAL A 130 2.21 6.50 11.07
N TRP A 131 2.22 6.15 9.79
CA TRP A 131 1.48 4.97 9.34
C TRP A 131 2.35 3.73 9.29
N TYR A 132 1.78 2.59 9.68
CA TYR A 132 2.55 1.33 9.79
C TYR A 132 2.02 0.26 8.89
N TRP A 133 2.93 -0.54 8.33
CA TRP A 133 2.59 -1.69 7.52
C TRP A 133 3.22 -2.96 8.08
N ALA A 134 2.56 -4.08 7.86
CA ALA A 134 3.22 -5.41 7.98
C ALA A 134 4.17 -5.46 6.80
N ALA A 135 5.40 -5.92 7.04
CA ALA A 135 6.41 -6.01 6.02
C ALA A 135 7.18 -7.31 6.17
N LYS A 136 7.02 -8.21 5.20
CA LYS A 136 7.73 -9.49 5.22
C LYS A 136 9.15 -9.31 4.74
N SER A 137 10.11 -9.70 5.56
CA SER A 137 11.52 -9.60 5.20
C SER A 137 11.86 -10.41 3.93
N THR A 138 12.64 -9.81 3.03
CA THR A 138 13.14 -10.50 1.84
C THR A 138 14.66 -10.61 1.95
N GLY A 139 15.17 -10.51 3.18
CA GLY A 139 16.57 -10.76 3.47
C GLY A 139 17.36 -9.49 3.71
N GLY A 140 18.59 -9.67 4.17
CA GLY A 140 19.47 -8.56 4.42
C GLY A 140 20.24 -8.85 5.69
N ASP A 141 21.07 -7.90 6.09
CA ASP A 141 21.87 -8.05 7.31
C ASP A 141 21.96 -6.73 8.06
N PHE A 142 21.75 -6.79 9.36
CA PHE A 142 21.85 -5.63 10.19
C PHE A 142 23.31 -5.37 10.53
N SER A 143 23.72 -4.11 10.46
CA SER A 143 25.00 -3.67 11.00
C SER A 143 24.77 -2.46 11.92
N PRO A 144 25.19 -2.58 13.21
CA PRO A 144 25.09 -1.52 14.19
C PRO A 144 25.80 -0.25 13.80
N ASN A 145 25.19 0.85 14.12
CA ASN A 145 25.75 2.13 13.88
C ASN A 145 25.20 3.10 14.93
N ASP A 146 25.56 4.38 14.81
CA ASP A 146 25.11 5.43 15.73
C ASP A 146 23.62 5.78 15.74
N GLU A 147 22.90 5.48 14.65
N GLU A 147 22.90 5.50 14.66
CA GLU A 147 21.45 5.75 14.54
CA GLU A 147 21.46 5.77 14.60
C GLU A 147 20.69 4.61 15.19
C GLU A 147 20.68 4.60 15.19
N VAL A 148 21.10 3.39 14.84
CA VAL A 148 20.48 2.15 15.35
C VAL A 148 21.60 1.19 15.71
N ASP A 149 21.76 0.89 17.00
CA ASP A 149 22.89 0.05 17.46
C ASP A 149 22.53 -1.40 17.75
N LYS A 150 21.24 -1.69 17.86
CA LYS A 150 20.78 -3.05 18.07
C LYS A 150 19.47 -3.33 17.35
N LEU A 151 19.35 -4.57 16.91
CA LEU A 151 18.16 -5.08 16.28
C LEU A 151 17.96 -6.46 16.86
N VAL A 152 16.78 -6.71 17.41
CA VAL A 152 16.47 -8.02 17.96
C VAL A 152 15.25 -8.54 17.23
N TRP A 153 15.25 -9.84 16.97
CA TRP A 153 14.12 -10.54 16.40
C TRP A 153 13.44 -11.31 17.51
N LEU A 154 12.17 -11.01 17.75
CA LEU A 154 11.46 -11.57 18.92
C LEU A 154 10.13 -12.13 18.53
N PRO A 155 9.69 -13.21 19.20
CA PRO A 155 8.29 -13.56 19.02
C PRO A 155 7.42 -12.42 19.47
N VAL A 156 6.19 -12.38 18.99
CA VAL A 156 5.29 -11.26 19.24
C VAL A 156 5.16 -10.95 20.73
N ASP A 157 5.01 -11.97 21.59
CA ASP A 157 4.87 -11.73 23.03
C ASP A 157 6.03 -11.05 23.67
N ALA A 158 7.23 -11.52 23.33
CA ALA A 158 8.47 -10.93 23.82
C ALA A 158 8.72 -9.54 23.20
N ALA A 159 8.32 -9.37 21.94
CA ALA A 159 8.37 -8.02 21.30
C ALA A 159 7.49 -7.01 22.03
N MET A 160 6.31 -7.45 22.44
N MET A 160 6.29 -7.44 22.42
CA MET A 160 5.42 -6.64 23.25
CA MET A 160 5.42 -6.65 23.28
C MET A 160 6.07 -6.13 24.55
C MET A 160 6.13 -6.10 24.52
N ASP A 161 6.91 -6.95 25.18
CA ASP A 161 7.61 -6.55 26.41
C ASP A 161 8.78 -5.63 26.11
N GLN A 162 9.42 -5.82 24.96
CA GLN A 162 10.58 -5.03 24.54
C GLN A 162 10.21 -3.61 24.09
N LEU A 163 9.07 -3.48 23.39
CA LEU A 163 8.62 -2.20 22.88
C LEU A 163 8.19 -1.25 24.00
N GLN A 164 8.76 -0.07 24.11
CA GLN A 164 8.44 0.79 25.27
C GLN A 164 7.22 1.69 25.07
N TYR A 165 6.84 1.95 23.82
CA TYR A 165 5.75 2.91 23.56
C TYR A 165 4.42 2.15 23.47
N PRO A 166 3.43 2.55 24.29
CA PRO A 166 2.10 1.94 24.18
C PRO A 166 1.52 1.88 22.75
N ASP A 167 1.73 2.94 21.98
CA ASP A 167 1.27 2.96 20.57
C ASP A 167 1.93 1.89 19.71
N ASP A 168 3.21 1.63 19.91
CA ASP A 168 3.86 0.58 19.12
C ASP A 168 3.23 -0.78 19.48
N ARG A 169 2.89 -0.98 20.75
N ARG A 169 2.88 -1.00 20.75
CA ARG A 169 2.29 -2.26 21.14
CA ARG A 169 2.25 -2.28 21.09
C ARG A 169 0.89 -2.46 20.51
C ARG A 169 0.89 -2.45 20.43
N LYS A 170 0.17 -1.35 20.35
CA LYS A 170 -1.11 -1.34 19.66
C LYS A 170 -0.98 -1.76 18.21
N VAL A 171 0.02 -1.20 17.52
CA VAL A 171 0.34 -1.64 16.15
C VAL A 171 0.62 -3.17 16.08
N LEU A 172 1.44 -3.67 17.00
CA LEU A 172 1.77 -5.08 17.03
C LEU A 172 0.54 -5.94 17.32
N ARG A 173 -0.33 -5.51 18.22
CA ARG A 173 -1.62 -6.19 18.43
C ARG A 173 -2.47 -6.28 17.16
N ARG A 174 -2.45 -5.23 16.37
CA ARG A 174 -3.14 -5.27 15.08
C ARG A 174 -2.51 -6.22 14.11
N PHE A 175 -1.18 -6.24 14.07
CA PHE A 175 -0.40 -7.13 13.26
C PHE A 175 -0.85 -8.60 13.49
N VAL A 176 -0.96 -9.03 14.75
CA VAL A 176 -1.35 -10.45 15.01
C VAL A 176 -2.84 -10.76 14.88
N LYS A 177 -3.70 -9.75 14.88
CA LYS A 177 -5.17 -9.94 14.78
C LYS A 177 -5.62 -10.69 13.50
N ARG A 178 -4.83 -10.60 12.44
CA ARG A 178 -5.22 -11.15 11.14
C ARG A 178 -4.00 -11.79 10.55
N PRO A 179 -4.14 -12.63 9.51
CA PRO A 179 -2.98 -13.20 8.83
C PRO A 179 -2.02 -12.13 8.27
N VAL A 180 -0.72 -12.44 8.26
CA VAL A 180 0.31 -11.54 7.70
C VAL A 180 0.97 -12.09 6.41
N ASP A 181 0.78 -13.37 6.12
CA ASP A 181 1.38 -13.94 4.94
C ASP A 181 0.41 -13.81 3.77
N THR A 182 0.31 -12.59 3.26
CA THR A 182 -0.81 -12.23 2.40
C THR A 182 -0.36 -11.98 0.96
N LYS A 183 -1.27 -12.20 0.03
CA LYS A 183 -1.04 -11.79 -1.33
C LYS A 183 -1.85 -10.52 -1.52
N THR A 184 -1.56 -9.82 -2.57
CA THR A 184 -2.00 -8.42 -2.66
C THR A 184 -2.57 -8.08 -4.03
N VAL A 185 -3.75 -7.47 -4.02
CA VAL A 185 -4.36 -6.94 -5.24
C VAL A 185 -4.40 -5.41 -5.09
N LEU A 186 -3.88 -4.72 -6.09
CA LEU A 186 -3.72 -3.25 -6.08
C LEU A 186 -4.67 -2.62 -7.10
N VAL A 187 -5.71 -1.96 -6.61
CA VAL A 187 -6.74 -1.38 -7.45
C VAL A 187 -6.51 0.12 -7.52
N VAL A 188 -6.19 0.57 -8.70
CA VAL A 188 -5.73 1.92 -8.91
C VAL A 188 -6.72 2.68 -9.77
N ARG A 189 -7.11 3.88 -9.32
CA ARG A 189 -7.87 4.78 -10.16
C ARG A 189 -6.82 5.52 -11.05
N HIS A 190 -7.08 5.52 -12.38
CA HIS A 190 -6.16 6.20 -13.29
C HIS A 190 -5.87 7.64 -12.86
N GLY A 191 -4.72 8.14 -13.27
CA GLY A 191 -4.30 9.50 -13.03
C GLY A 191 -5.13 10.56 -13.69
N THR A 192 -4.88 11.81 -13.31
CA THR A 192 -5.59 12.97 -13.91
C THR A 192 -5.43 13.01 -15.44
N ALA A 193 -6.56 13.31 -16.11
CA ALA A 193 -6.67 13.13 -17.56
C ALA A 193 -7.56 14.23 -18.18
N GLY A 194 -7.39 15.43 -17.67
CA GLY A 194 -8.21 16.59 -18.05
C GLY A 194 -9.67 16.30 -17.74
N ARG A 195 -10.58 16.87 -18.51
CA ARG A 195 -12.00 16.78 -18.19
C ARG A 195 -12.77 16.12 -19.32
N ARG A 196 -13.75 15.30 -18.96
CA ARG A 196 -14.67 14.73 -19.95
C ARG A 196 -15.27 15.78 -20.82
N SER A 197 -15.40 15.42 -22.09
CA SER A 197 -15.97 16.29 -23.10
C SER A 197 -17.46 16.25 -22.90
N ARG A 198 -18.20 16.77 -23.89
CA ARG A 198 -19.65 16.77 -23.78
C ARG A 198 -20.39 15.81 -24.74
N TYR A 199 -19.69 14.74 -25.12
CA TYR A 199 -20.32 13.56 -25.69
C TYR A 199 -20.80 12.65 -24.60
N LYS A 200 -21.92 11.99 -24.88
CA LYS A 200 -22.62 11.20 -23.88
C LYS A 200 -21.71 10.09 -23.38
N GLY A 201 -21.62 9.99 -22.07
CA GLY A 201 -20.83 8.93 -21.46
C GLY A 201 -19.35 9.25 -21.56
N ASP A 202 -18.60 8.31 -22.13
CA ASP A 202 -17.15 8.19 -21.91
C ASP A 202 -16.33 8.35 -23.19
N ASP A 203 -15.12 8.89 -23.04
CA ASP A 203 -14.10 9.07 -24.10
C ASP A 203 -13.13 7.89 -23.98
N ARG A 204 -12.89 7.16 -25.06
CA ARG A 204 -12.02 6.01 -24.96
C ARG A 204 -10.57 6.43 -24.91
N LYS A 205 -10.22 7.49 -25.66
CA LYS A 205 -8.80 7.78 -25.98
C LYS A 205 -8.20 8.95 -25.25
N ARG A 206 -9.00 9.66 -24.43
CA ARG A 206 -8.50 10.86 -23.73
C ARG A 206 -7.30 10.46 -22.88
N PRO A 207 -6.16 11.15 -23.04
CA PRO A 207 -4.94 10.71 -22.37
C PRO A 207 -4.75 11.34 -21.01
N LEU A 208 -3.83 10.80 -20.23
CA LEU A 208 -3.36 11.49 -19.03
C LEU A 208 -2.85 12.88 -19.41
N ASP A 209 -3.02 13.82 -18.50
CA ASP A 209 -2.44 15.16 -18.62
C ASP A 209 -1.05 15.19 -17.97
N LYS A 210 -0.43 16.38 -17.89
CA LYS A 210 0.96 16.46 -17.42
C LYS A 210 1.07 15.95 -16.00
N ARG A 211 0.15 16.40 -15.14
CA ARG A 211 0.11 15.93 -13.75
C ARG A 211 -0.10 14.43 -13.68
N GLY A 212 -1.01 13.94 -14.51
CA GLY A 212 -1.33 12.52 -14.51
C GLY A 212 -0.17 11.63 -14.95
N ARG A 213 0.61 12.08 -15.93
CA ARG A 213 1.82 11.34 -16.32
C ARG A 213 2.79 11.29 -15.15
N ALA A 214 2.92 12.38 -14.42
CA ALA A 214 3.79 12.40 -13.25
C ALA A 214 3.27 11.49 -12.13
N GLN A 215 1.96 11.46 -11.96
CA GLN A 215 1.36 10.47 -11.03
C GLN A 215 1.71 9.03 -11.46
N ALA A 216 1.61 8.73 -12.75
CA ALA A 216 1.94 7.42 -13.31
C ALA A 216 3.39 7.07 -12.95
N GLU A 217 4.28 8.03 -13.11
CA GLU A 217 5.69 7.76 -12.81
C GLU A 217 5.90 7.53 -11.34
N ALA A 218 5.21 8.32 -10.49
CA ALA A 218 5.29 8.23 -9.04
C ALA A 218 4.69 6.93 -8.50
N LEU A 219 3.71 6.39 -9.22
CA LEU A 219 3.12 5.09 -8.81
C LEU A 219 4.04 3.86 -8.93
N VAL A 220 5.11 3.93 -9.73
CA VAL A 220 5.98 2.80 -9.88
C VAL A 220 6.52 2.36 -8.52
N ALA A 221 7.11 3.28 -7.79
CA ALA A 221 7.74 2.94 -6.54
C ALA A 221 6.69 2.51 -5.51
N GLN A 222 5.53 3.16 -5.50
N GLN A 222 5.55 3.22 -5.55
CA GLN A 222 4.52 2.78 -4.52
CA GLN A 222 4.38 2.93 -4.73
C GLN A 222 3.96 1.39 -4.81
C GLN A 222 3.97 1.47 -4.85
N LEU A 223 3.74 1.06 -6.08
CA LEU A 223 3.23 -0.27 -6.37
C LEU A 223 4.31 -1.38 -6.22
N MET A 224 5.56 -1.03 -6.51
CA MET A 224 6.66 -1.92 -6.23
C MET A 224 6.88 -2.20 -4.75
N ALA A 225 6.48 -1.26 -3.89
CA ALA A 225 6.64 -1.42 -2.46
C ALA A 225 5.83 -2.68 -1.99
N PHE A 226 4.70 -2.95 -2.66
CA PHE A 226 3.82 -4.07 -2.37
C PHE A 226 4.11 -5.33 -3.21
N GLY A 227 5.20 -5.32 -3.97
CA GLY A 227 5.56 -6.46 -4.79
C GLY A 227 4.60 -6.76 -5.93
N ALA A 228 4.13 -5.72 -6.60
CA ALA A 228 3.31 -5.91 -7.79
C ALA A 228 4.08 -6.77 -8.81
N THR A 229 3.38 -7.68 -9.46
CA THR A 229 4.01 -8.51 -10.49
C THR A 229 3.28 -8.56 -11.82
N THR A 230 1.95 -8.34 -11.83
CA THR A 230 1.16 -8.49 -13.03
C THR A 230 0.24 -7.29 -13.16
N LEU A 231 -0.08 -6.95 -14.40
CA LEU A 231 -0.70 -5.66 -14.75
C LEU A 231 -1.93 -5.83 -15.63
N TYR A 232 -2.99 -5.13 -15.21
CA TYR A 232 -4.30 -5.15 -15.83
C TYR A 232 -4.85 -3.71 -15.88
N ALA A 233 -5.46 -3.33 -16.99
CA ALA A 233 -6.12 -2.00 -17.09
C ALA A 233 -7.41 -2.14 -17.83
N ALA A 234 -8.42 -1.43 -17.35
CA ALA A 234 -9.66 -1.23 -18.10
C ALA A 234 -9.38 -0.70 -19.50
N ASP A 235 -10.32 -0.96 -20.42
CA ASP A 235 -10.17 -0.60 -21.85
C ASP A 235 -10.37 0.90 -22.18
N ARG A 236 -9.54 1.72 -21.55
CA ARG A 236 -9.45 3.17 -21.76
C ARG A 236 -7.97 3.53 -21.78
N VAL A 237 -7.60 4.46 -22.65
CA VAL A 237 -6.19 4.81 -22.81
C VAL A 237 -5.61 5.32 -21.47
N ARG A 238 -6.39 6.16 -20.78
CA ARG A 238 -5.90 6.77 -19.53
C ARG A 238 -5.59 5.75 -18.44
N CYS A 239 -6.28 4.62 -18.47
CA CYS A 239 -6.01 3.54 -17.52
C CYS A 239 -4.70 2.84 -17.84
N HIS A 240 -4.49 2.51 -19.13
CA HIS A 240 -3.24 1.91 -19.53
C HIS A 240 -2.05 2.81 -19.25
N GLN A 241 -2.20 4.10 -19.55
CA GLN A 241 -1.13 5.03 -19.40
C GLN A 241 -0.70 5.20 -17.94
N THR A 242 -1.64 4.93 -17.02
CA THR A 242 -1.33 5.07 -15.63
C THR A 242 -0.35 3.99 -15.15
N ILE A 243 -0.41 2.81 -15.76
CA ILE A 243 0.45 1.75 -15.31
C ILE A 243 1.56 1.41 -16.33
N GLU A 244 1.66 2.21 -17.40
CA GLU A 244 2.71 1.99 -18.44
C GLU A 244 4.10 2.20 -17.83
N PRO A 245 4.31 3.24 -16.99
CA PRO A 245 5.66 3.29 -16.35
C PRO A 245 6.03 2.02 -15.57
N LEU A 246 5.07 1.46 -14.83
CA LEU A 246 5.29 0.19 -14.14
C LEU A 246 5.50 -0.98 -15.10
N ALA A 247 4.77 -0.95 -16.20
CA ALA A 247 4.94 -1.99 -17.22
C ALA A 247 6.39 -1.99 -17.72
N GLN A 248 6.93 -0.79 -17.95
CA GLN A 248 8.28 -0.65 -18.49
C GLN A 248 9.28 -1.12 -17.47
N GLU A 249 9.04 -0.78 -16.20
CA GLU A 249 9.91 -1.22 -15.10
C GLU A 249 9.97 -2.74 -14.91
N LEU A 250 8.83 -3.39 -15.02
CA LEU A 250 8.73 -4.81 -14.79
C LEU A 250 9.03 -5.56 -16.09
N ASP A 251 9.08 -4.82 -17.19
CA ASP A 251 8.97 -5.39 -18.52
C ASP A 251 7.81 -6.41 -18.60
N GLN A 252 6.60 -5.95 -18.26
CA GLN A 252 5.38 -6.77 -18.29
C GLN A 252 4.37 -6.13 -19.24
N LEU A 253 3.59 -6.95 -19.95
CA LEU A 253 2.51 -6.41 -20.74
C LEU A 253 1.30 -6.15 -19.83
N ILE A 254 0.51 -5.17 -20.22
CA ILE A 254 -0.73 -4.83 -19.50
C ILE A 254 -1.91 -5.57 -20.13
N HIS A 255 -2.60 -6.42 -19.37
N HIS A 255 -2.58 -6.43 -19.38
CA HIS A 255 -3.78 -7.11 -19.90
CA HIS A 255 -3.76 -7.09 -19.87
C HIS A 255 -5.00 -6.20 -19.91
C HIS A 255 -4.86 -6.02 -20.00
N ASN A 256 -5.61 -6.11 -21.08
CA ASN A 256 -6.72 -5.17 -21.34
C ASN A 256 -8.01 -5.74 -20.80
N GLU A 257 -8.82 -4.91 -20.16
CA GLU A 257 -9.99 -5.39 -19.43
C GLU A 257 -11.25 -4.61 -19.81
N PRO A 258 -11.90 -5.02 -20.90
CA PRO A 258 -13.18 -4.43 -21.29
C PRO A 258 -14.30 -4.52 -20.25
N LEU A 259 -14.30 -5.57 -19.42
CA LEU A 259 -15.37 -5.81 -18.46
C LEU A 259 -15.30 -4.82 -17.30
N LEU A 260 -14.18 -4.07 -17.18
CA LEU A 260 -13.99 -3.21 -16.01
C LEU A 260 -14.07 -1.70 -16.32
N THR A 261 -14.56 -1.33 -17.48
CA THR A 261 -14.78 0.08 -17.79
C THR A 261 -16.09 0.52 -17.08
N GLU A 262 -16.27 1.82 -17.00
CA GLU A 262 -17.46 2.38 -16.43
C GLU A 262 -18.71 1.89 -17.20
N GLU A 263 -18.65 1.87 -18.52
CA GLU A 263 -19.81 1.49 -19.34
C GLU A 263 -20.14 0.01 -19.12
N ALA A 264 -19.10 -0.84 -19.05
CA ALA A 264 -19.32 -2.26 -18.80
C ALA A 264 -19.86 -2.54 -17.40
N TYR A 265 -19.34 -1.85 -16.38
CA TYR A 265 -19.82 -2.01 -15.03
C TYR A 265 -21.28 -1.64 -14.85
N ALA A 266 -21.68 -0.58 -15.54
CA ALA A 266 -23.07 -0.10 -15.54
C ALA A 266 -23.99 -1.03 -16.27
N ALA A 267 -23.51 -1.71 -17.31
CA ALA A 267 -24.30 -2.70 -18.09
C ALA A 267 -24.36 -4.08 -17.44
N ASP A 268 -23.27 -4.46 -16.78
CA ASP A 268 -23.12 -5.78 -16.22
C ASP A 268 -22.17 -5.81 -15.04
N HIS A 269 -22.66 -5.38 -13.90
CA HIS A 269 -21.81 -5.32 -12.71
C HIS A 269 -21.38 -6.71 -12.27
N LYS A 270 -22.25 -7.71 -12.40
CA LYS A 270 -21.89 -9.08 -12.00
C LYS A 270 -20.70 -9.63 -12.76
N ALA A 271 -20.57 -9.30 -14.04
CA ALA A 271 -19.45 -9.80 -14.82
C ALA A 271 -18.16 -9.08 -14.36
N ALA A 272 -18.29 -7.79 -13.98
CA ALA A 272 -17.12 -7.05 -13.46
C ALA A 272 -16.61 -7.71 -12.18
N ARG A 273 -17.53 -7.99 -11.27
CA ARG A 273 -17.17 -8.61 -9.96
C ARG A 273 -16.48 -9.96 -10.16
N LYS A 274 -17.08 -10.78 -11.02
CA LYS A 274 -16.54 -12.09 -11.38
C LYS A 274 -15.13 -11.96 -11.95
N ARG A 275 -14.93 -10.96 -12.81
CA ARG A 275 -13.62 -10.72 -13.39
C ARG A 275 -12.58 -10.29 -12.34
N LEU A 276 -12.97 -9.42 -11.43
CA LEU A 276 -12.06 -9.02 -10.34
C LEU A 276 -11.58 -10.26 -9.55
N LEU A 277 -12.52 -11.12 -9.18
CA LEU A 277 -12.18 -12.33 -8.45
C LEU A 277 -11.29 -13.26 -9.29
N GLU A 278 -11.63 -13.40 -10.55
CA GLU A 278 -10.79 -14.16 -11.48
C GLU A 278 -9.35 -13.68 -11.44
N ILE A 279 -9.16 -12.38 -11.67
CA ILE A 279 -7.80 -11.79 -11.65
C ILE A 279 -7.11 -12.03 -10.30
N ALA A 280 -7.83 -11.80 -9.23
CA ALA A 280 -7.29 -11.97 -7.87
C ALA A 280 -6.84 -13.40 -7.59
N GLY A 281 -7.54 -14.38 -8.16
CA GLY A 281 -7.17 -15.80 -8.04
C GLY A 281 -5.93 -16.24 -8.78
N ARG A 282 -5.43 -15.44 -9.70
CA ARG A 282 -4.26 -15.81 -10.46
C ARG A 282 -3.01 -15.70 -9.59
N PRO A 283 -1.94 -16.47 -9.94
CA PRO A 283 -0.70 -16.33 -9.18
C PRO A 283 -0.08 -14.95 -9.40
N GLY A 284 0.51 -14.39 -8.34
CA GLY A 284 1.17 -13.09 -8.41
C GLY A 284 0.35 -12.02 -7.72
N ASN A 285 0.84 -10.77 -7.76
CA ASN A 285 0.16 -9.66 -7.11
C ASN A 285 -0.23 -8.68 -8.23
N PRO A 286 -1.51 -8.70 -8.60
CA PRO A 286 -1.95 -7.92 -9.72
C PRO A 286 -2.25 -6.47 -9.36
N VAL A 287 -1.95 -5.58 -10.31
CA VAL A 287 -2.42 -4.23 -10.32
C VAL A 287 -3.54 -4.15 -11.35
N ILE A 288 -4.64 -3.49 -10.98
CA ILE A 288 -5.79 -3.37 -11.84
C ILE A 288 -6.16 -1.87 -11.85
N CYS A 289 -5.98 -1.24 -12.98
CA CYS A 289 -6.29 0.16 -13.16
C CYS A 289 -7.58 0.36 -13.87
N THR A 290 -8.50 1.01 -13.16
CA THR A 290 -9.79 1.31 -13.71
C THR A 290 -10.32 2.74 -13.34
N GLN A 291 -11.64 2.93 -13.33
CA GLN A 291 -12.28 4.25 -13.34
C GLN A 291 -13.09 4.55 -12.08
N GLY A 292 -13.40 5.83 -11.90
CA GLY A 292 -14.05 6.27 -10.66
C GLY A 292 -15.43 5.71 -10.39
N LYS A 293 -16.23 5.43 -11.41
CA LYS A 293 -17.56 4.90 -11.17
C LYS A 293 -17.53 3.43 -10.83
N VAL A 294 -16.40 2.76 -11.07
CA VAL A 294 -16.25 1.33 -10.90
C VAL A 294 -15.67 0.91 -9.54
N ILE A 295 -14.60 1.57 -9.16
CA ILE A 295 -13.89 1.20 -7.97
C ILE A 295 -14.69 1.21 -6.64
N PRO A 296 -15.38 2.29 -6.33
CA PRO A 296 -16.08 2.33 -5.03
C PRO A 296 -17.04 1.13 -4.86
N GLY A 297 -17.80 0.88 -5.93
CA GLY A 297 -18.71 -0.24 -5.96
C GLY A 297 -18.08 -1.58 -5.79
N LEU A 298 -16.97 -1.81 -6.50
CA LEU A 298 -16.25 -3.05 -6.36
C LEU A 298 -15.65 -3.22 -4.96
N ILE A 299 -15.05 -2.17 -4.44
CA ILE A 299 -14.42 -2.26 -3.11
C ILE A 299 -15.48 -2.49 -2.03
N GLU A 300 -16.58 -1.77 -2.10
CA GLU A 300 -17.64 -1.93 -1.09
C GLU A 300 -18.19 -3.34 -1.13
N TRP A 301 -18.42 -3.85 -2.32
CA TRP A 301 -19.00 -5.19 -2.45
C TRP A 301 -18.09 -6.24 -1.81
N TRP A 302 -16.80 -6.21 -2.12
CA TRP A 302 -15.87 -7.15 -1.52
C TRP A 302 -15.75 -6.97 -0.01
N CYS A 303 -15.62 -5.74 0.47
CA CYS A 303 -15.48 -5.51 1.91
C CYS A 303 -16.71 -6.01 2.67
N GLU A 304 -17.90 -5.69 2.14
CA GLU A 304 -19.18 -6.18 2.68
C GLU A 304 -19.23 -7.68 2.85
N ARG A 305 -18.97 -8.39 1.76
CA ARG A 305 -19.09 -9.85 1.79
C ARG A 305 -18.02 -10.52 2.64
N ALA A 306 -16.86 -9.89 2.78
CA ALA A 306 -15.77 -10.47 3.57
C ALA A 306 -15.73 -9.94 4.99
N LYS A 307 -16.60 -8.98 5.29
CA LYS A 307 -16.70 -8.28 6.58
C LYS A 307 -15.36 -7.64 6.95
N VAL A 308 -14.79 -6.92 5.98
CA VAL A 308 -13.53 -6.17 6.16
C VAL A 308 -13.85 -4.69 6.24
N ARG A 309 -13.29 -4.03 7.25
CA ARG A 309 -13.55 -2.65 7.50
C ARG A 309 -12.35 -1.82 7.04
N PRO A 310 -12.53 -0.97 5.99
CA PRO A 310 -11.42 -0.09 5.61
C PRO A 310 -11.20 1.03 6.61
N GLU A 311 -9.97 1.30 6.97
CA GLU A 311 -9.71 2.36 7.91
C GLU A 311 -9.79 3.73 7.25
N THR A 312 -9.46 3.82 5.96
CA THR A 312 -9.62 5.08 5.24
C THR A 312 -10.47 4.77 4.00
N THR A 313 -11.13 5.81 3.48
N THR A 313 -11.10 5.80 3.43
CA THR A 313 -11.87 5.67 2.23
CA THR A 313 -11.86 5.60 2.18
C THR A 313 -11.55 6.90 1.35
C THR A 313 -11.80 6.87 1.34
N GLY A 314 -11.63 6.71 0.05
CA GLY A 314 -11.53 7.83 -0.86
C GLY A 314 -11.62 7.20 -2.25
N ASN A 315 -11.48 8.03 -3.26
CA ASN A 315 -11.65 7.57 -4.67
C ASN A 315 -10.92 8.53 -5.64
N ARG A 316 -9.80 9.10 -5.23
CA ARG A 316 -9.14 10.15 -6.03
C ARG A 316 -8.40 9.53 -7.22
N LYS A 317 -8.29 10.30 -8.28
CA LYS A 317 -7.47 9.90 -9.44
C LYS A 317 -6.06 9.70 -8.96
N GLY A 318 -5.48 8.55 -9.30
CA GLY A 318 -4.12 8.18 -8.89
C GLY A 318 -4.05 7.44 -7.53
N SER A 319 -5.18 7.20 -6.89
CA SER A 319 -5.22 6.51 -5.62
C SER A 319 -5.15 5.01 -5.84
N THR A 320 -4.83 4.30 -4.75
CA THR A 320 -4.64 2.89 -4.74
C THR A 320 -5.37 2.26 -3.57
N TRP A 321 -6.10 1.20 -3.85
CA TRP A 321 -6.63 0.31 -2.78
C TRP A 321 -5.73 -0.92 -2.70
N VAL A 322 -5.19 -1.18 -1.51
CA VAL A 322 -4.36 -2.32 -1.30
C VAL A 322 -5.26 -3.37 -0.65
N LEU A 323 -5.57 -4.40 -1.42
CA LEU A 323 -6.41 -5.52 -0.94
C LEU A 323 -5.52 -6.70 -0.58
N SER A 324 -5.58 -7.09 0.69
CA SER A 324 -4.75 -8.15 1.21
C SER A 324 -5.64 -9.41 1.29
N LEU A 325 -5.14 -10.49 0.73
CA LEU A 325 -5.85 -11.77 0.75
C LEU A 325 -5.05 -12.82 1.50
N SER A 326 -5.76 -13.67 2.23
CA SER A 326 -5.15 -14.85 2.86
C SER A 326 -6.03 -16.04 2.46
N ASP A 327 -5.42 -16.98 1.73
CA ASP A 327 -6.12 -18.18 1.25
C ASP A 327 -7.35 -17.77 0.49
N GLY A 328 -7.19 -16.76 -0.36
CA GLY A 328 -8.29 -16.21 -1.14
C GLY A 328 -9.33 -15.36 -0.43
N GLU A 329 -9.31 -15.26 0.90
CA GLU A 329 -10.25 -14.38 1.58
C GLU A 329 -9.63 -12.99 1.78
N LEU A 330 -10.45 -11.96 1.61
CA LEU A 330 -10.04 -10.57 1.86
C LEU A 330 -9.86 -10.36 3.36
N VAL A 331 -8.68 -9.86 3.74
CA VAL A 331 -8.39 -9.57 5.13
C VAL A 331 -7.96 -8.10 5.43
N GLY A 332 -7.88 -7.27 4.41
CA GLY A 332 -7.51 -5.86 4.57
C GLY A 332 -7.88 -5.12 3.28
N ALA A 333 -8.36 -3.88 3.43
CA ALA A 333 -8.61 -2.98 2.30
C ALA A 333 -8.12 -1.59 2.68
N ASP A 334 -6.99 -1.16 2.13
CA ASP A 334 -6.28 0.01 2.57
C ASP A 334 -6.23 1.05 1.45
N TYR A 335 -6.93 2.14 1.66
CA TYR A 335 -6.97 3.23 0.68
C TYR A 335 -5.77 4.15 0.83
N LEU A 336 -4.97 4.22 -0.21
CA LEU A 336 -3.84 5.16 -0.28
C LEU A 336 -4.11 6.34 -1.16
N SER A 337 -3.78 7.53 -0.66
N SER A 337 -3.80 7.53 -0.67
CA SER A 337 -3.94 8.77 -1.43
CA SER A 337 -4.01 8.74 -1.47
C SER A 337 -3.13 8.76 -2.73
C SER A 337 -3.14 8.76 -2.73
N PRO A 338 -3.51 9.59 -3.72
CA PRO A 338 -2.62 9.79 -4.86
C PRO A 338 -1.22 10.20 -4.40
N PRO A 339 -0.21 9.91 -5.22
CA PRO A 339 1.17 10.12 -4.79
C PRO A 339 1.54 11.56 -4.59
N ASP A 340 0.83 12.46 -5.25
CA ASP A 340 1.07 13.90 -5.10
C ASP A 340 0.06 14.60 -4.22
N GLU A 341 -0.68 13.84 -3.40
CA GLU A 341 -1.63 14.42 -2.44
C GLU A 341 -1.36 13.85 -1.07
N LYS A 342 -1.93 14.51 -0.07
CA LYS A 342 -1.84 14.05 1.32
C LYS A 342 -3.03 13.17 1.72
N9 5FA B . 8.69 8.97 20.49
C8 5FA B . 9.01 7.99 19.60
N7 5FA B . 7.95 7.20 19.38
C5 5FA B . 6.95 7.65 20.14
C6 5FA B . 5.59 7.21 20.34
N6 5FA B . 5.17 6.11 19.64
N1 5FA B . 4.87 7.96 21.20
C2 5FA B . 5.37 9.04 21.87
N3 5FA B . 6.64 9.51 21.73
C4 5FA B . 7.44 8.82 20.87
O5' 5FA B . 11.43 10.76 18.28
C5' 5FA B . 11.12 12.04 18.79
C4' 5FA B . 10.70 11.90 20.26
O4' 5FA B . 9.41 11.28 20.29
C3' 5FA B . 11.68 10.99 20.99
O3' 5FA B . 11.99 11.47 22.30
C2' 5FA B . 10.97 9.66 21.08
O2' 5FA B . 11.31 8.93 22.29
C1' 5FA B . 9.51 10.06 21.03
PA 5FA B . 11.03 10.31 16.79
O1A 5FA B . 11.31 8.87 16.55
O2A 5FA B . 9.68 10.74 16.45
O3A 5FA B . 11.91 11.40 15.98
PB 5FA B . 13.06 11.29 14.85
O1B 5FA B . 14.39 11.36 15.59
O2B 5FA B . 12.78 12.40 13.88
O3B 5FA B . 12.95 9.86 14.23
PG 5FA B . 12.20 9.30 12.93
O2G 5FA B . 10.79 9.90 12.77
O1G 5FA B . 12.28 7.82 13.03
O3G 5FA B . 13.10 9.99 11.82
PD 5FA B . 14.05 9.36 10.69
O1D 5FA B . 14.34 7.85 10.79
O2D 5FA B . 13.41 9.96 9.42
O3D 5FA B . 15.21 10.31 11.27
PE 5FA B . 16.73 10.40 10.79
O1E 5FA B . 17.30 11.39 11.79
O2E 5FA B . 17.22 8.97 10.94
O3E 5FA B . 16.55 10.93 9.37
PG ATP C . -13.07 8.49 -14.65
O1G ATP C . -12.46 7.89 -13.40
O2G ATP C . -12.38 7.85 -15.89
O3G ATP C . -14.57 8.43 -14.78
PB ATP C . -12.53 11.09 -15.87
O1B ATP C . -13.58 10.79 -16.90
O2B ATP C . -11.08 11.08 -16.31
O3B ATP C . -12.64 9.99 -14.69
PA ATP C . -13.62 13.79 -15.12
O1A ATP C . -13.86 14.45 -16.44
O2A ATP C . -12.98 14.64 -14.05
O3A ATP C . -12.65 12.47 -15.15
O5' ATP C . -15.00 13.17 -14.52
C5' ATP C . -14.97 12.64 -13.21
C4' ATP C . -16.30 11.99 -12.95
O4' ATP C . -17.38 12.91 -13.29
C3' ATP C . -16.53 10.75 -13.77
O3' ATP C . -16.09 9.56 -13.11
C2' ATP C . -18.04 10.77 -13.94
O2' ATP C . -18.58 10.12 -12.80
C1' ATP C . -18.45 12.23 -13.96
N9 ATP C . -18.64 12.82 -15.33
C8 ATP C . -18.01 13.95 -15.81
N7 ATP C . -18.42 14.22 -17.09
C5 ATP C . -19.34 13.29 -17.44
C6 ATP C . -20.15 12.98 -18.66
N6 ATP C . -20.09 13.77 -19.78
N1 ATP C . -20.96 11.91 -18.62
C2 ATP C . -21.05 11.12 -17.53
N3 ATP C . -20.34 11.34 -16.39
C4 ATP C . -19.47 12.38 -16.29
C1 GOL D . -2.12 6.91 4.33
O1 GOL D . -1.89 5.51 4.00
C2 GOL D . -3.15 7.68 3.50
O2 GOL D . -2.77 7.70 2.09
C3 GOL D . -4.49 6.98 3.73
O3 GOL D . -5.66 7.52 3.04
MG MG E . 13.70 6.47 12.23
MG MG F . 15.70 6.60 9.64
MG MG G . 15.10 9.68 7.35
#